data_3T4B
#
_entry.id   3T4B
#
_cell.length_a   113.390
_cell.length_b   113.390
_cell.length_c   88.220
_cell.angle_alpha   90.00
_cell.angle_beta   90.00
_cell.angle_gamma   90.00
#
_symmetry.space_group_name_H-M   'P 41 21 2'
#
loop_
_entity.id
_entity.type
_entity.pdbx_description
1 polymer 'HCV IRES pseudoknot domain plus crystallization module'
2 non-polymer 'NICKEL (II) ION'
#
_entity_poly.entity_id   1
_entity_poly.type   'polyribonucleotide'
_entity_poly.pdbx_seq_one_letter_code
;CCUCCCGGGAGAGCCGCUAAGGGGGAAACUCUAUGCGGUACUGCCUGAUAGGGUGCUUGCGAGUGCCCCGGGAGGUCUCG
UAG(A23)
;
_entity_poly.pdbx_strand_id   A
#